data_3CVN
#
_entry.id   3CVN
#
_cell.length_a   44.619
_cell.length_b   66.178
_cell.length_c   51.979
_cell.angle_alpha   90.00
_cell.angle_beta   104.55
_cell.angle_gamma   90.00
#
_symmetry.space_group_name_H-M   'P 1 21 1'
#
loop_
_entity.id
_entity.type
_entity.pdbx_description
1 polymer 'Peroxisome targeting signal 1 receptor'
2 polymer 'T. brucei GAPDH PTS1 peptide Ac-DRDAAKL'
3 non-polymer 1,2-ETHANEDIOL
4 water water
#
loop_
_entity_poly.entity_id
_entity_poly.type
_entity_poly.pdbx_seq_one_letter_code
_entity_poly.pdbx_strand_id
1 'polypeptide(L)'
;GHMLQNNTDYPFEANNPYMYHENPMEEGLSMLKLANLAEAALAFEAVCQAAPEREEAWRSLGLTQAENEKDGLAIIALNH
ARMLDPKDIAVHAALAVSHTNEHNANAALASLRAWLLSQPQYEQLGSVNLQADVDIDDLNVQSEDFFFAAPNEYRECRTL
LHAALEMNPNDAQLHASLGVLYNLSNNYDSAAANLRRAVELRPDDAQLWNKLGATLANGNRPQEALDAYNRALDINPGYV
RVMYNMAVSYSNMSQYDLAAKQLVRAIYMQVGGTTPTGEASREATRSMWDFFRMLLNVMNRPDLVELTYAQNVEPFAKEF
GLQSMLL
;
A
2 'polypeptide(L)' RDRAAKL B
#
loop_
_chem_comp.id
_chem_comp.type
_chem_comp.name
_chem_comp.formula
EDO non-polymer 1,2-ETHANEDIOL 'C2 H6 O2'
#
# COMPACT_ATOMS: atom_id res chain seq x y z
N THR A 8 -7.60 -22.98 -2.20
CA THR A 8 -7.63 -21.50 -2.11
C THR A 8 -6.95 -20.86 -3.33
N ASP A 9 -7.18 -19.57 -3.51
CA ASP A 9 -6.61 -18.79 -4.59
C ASP A 9 -5.41 -17.98 -4.10
N TYR A 10 -5.10 -18.13 -2.82
CA TYR A 10 -4.07 -17.33 -2.21
C TYR A 10 -2.86 -18.25 -2.09
N PRO A 11 -1.68 -17.81 -2.55
CA PRO A 11 -0.47 -18.63 -2.49
C PRO A 11 0.19 -18.60 -1.11
N PHE A 12 -0.38 -19.34 -0.17
CA PHE A 12 0.13 -19.38 1.20
C PHE A 12 1.58 -19.86 1.24
N GLU A 13 2.40 -19.22 2.07
CA GLU A 13 3.75 -19.69 2.31
C GLU A 13 3.75 -21.12 2.86
N ALA A 14 4.59 -21.98 2.28
CA ALA A 14 4.62 -23.39 2.63
C ALA A 14 5.08 -23.63 4.06
N ASN A 15 6.26 -23.16 4.38
CA ASN A 15 6.86 -23.47 5.68
C ASN A 15 6.35 -22.42 6.65
N ASN A 16 5.24 -22.75 7.29
CA ASN A 16 4.44 -21.75 8.01
C ASN A 16 4.57 -21.94 9.52
N PRO A 17 5.60 -21.34 10.15
CA PRO A 17 5.82 -21.55 11.59
C PRO A 17 4.65 -21.15 12.49
N TYR A 18 3.87 -20.13 12.09
CA TYR A 18 2.71 -19.72 12.88
C TYR A 18 1.54 -20.70 12.82
N MET A 19 1.61 -21.68 11.91
CA MET A 19 0.62 -22.75 11.93
C MET A 19 0.73 -23.60 13.21
N TYR A 20 1.85 -23.47 13.91
CA TYR A 20 2.11 -24.28 15.10
C TYR A 20 1.55 -23.61 16.36
N HIS A 21 1.60 -22.28 16.39
CA HIS A 21 1.41 -21.54 17.63
C HIS A 21 -0.01 -21.65 18.13
N GLU A 22 -0.28 -21.03 19.27
CA GLU A 22 -1.60 -21.12 19.91
C GLU A 22 -2.53 -20.02 19.42
N ASN A 23 -2.08 -18.76 19.47
CA ASN A 23 -2.92 -17.65 19.03
C ASN A 23 -2.24 -16.74 17.98
N PRO A 24 -2.05 -17.27 16.76
CA PRO A 24 -1.39 -16.47 15.71
C PRO A 24 -2.14 -15.18 15.32
N MET A 25 -3.47 -15.14 15.52
CA MET A 25 -4.24 -13.92 15.23
C MET A 25 -3.84 -12.80 16.18
N GLU A 26 -3.67 -13.14 17.46
CA GLU A 26 -3.21 -12.20 18.44
C GLU A 26 -1.77 -11.76 18.14
N GLU A 27 -0.93 -12.73 17.77
CA GLU A 27 0.46 -12.46 17.44
C GLU A 27 0.59 -11.57 16.20
N GLY A 28 -0.22 -11.80 15.16
CA GLY A 28 -0.24 -10.91 13.98
C GLY A 28 -0.57 -9.45 14.31
N LEU A 29 -1.62 -9.24 15.10
CA LEU A 29 -1.99 -7.88 15.53
C LEU A 29 -0.87 -7.23 16.32
N SER A 30 -0.27 -8.00 17.22
CA SER A 30 0.90 -7.58 17.97
C SER A 30 2.03 -7.15 17.01
N MET A 31 2.34 -8.01 16.05
CA MET A 31 3.47 -7.78 15.14
C MET A 31 3.32 -6.63 14.14
N LEU A 32 2.08 -6.19 13.91
CA LEU A 32 1.86 -4.92 13.22
C LEU A 32 2.45 -3.72 14.00
N LYS A 33 2.42 -3.76 15.33
CA LYS A 33 2.96 -2.67 16.12
C LYS A 33 4.44 -2.86 16.49
N LEU A 34 4.87 -4.09 16.73
CA LEU A 34 6.17 -4.31 17.41
C LEU A 34 7.24 -4.97 16.57
N ALA A 35 6.93 -5.30 15.30
CA ALA A 35 7.87 -6.10 14.51
C ALA A 35 7.84 -5.69 13.04
N ASN A 36 7.31 -6.56 12.15
CA ASN A 36 7.22 -6.22 10.73
C ASN A 36 5.95 -6.72 10.01
N LEU A 37 5.74 -6.19 8.82
CA LEU A 37 4.58 -6.52 8.00
C LEU A 37 4.66 -8.00 7.61
N ALA A 38 5.85 -8.43 7.20
CA ALA A 38 6.07 -9.81 6.67
C ALA A 38 5.71 -10.88 7.69
N GLU A 39 6.21 -10.70 8.91
CA GLU A 39 5.91 -11.59 10.02
C GLU A 39 4.41 -11.57 10.34
N ALA A 40 3.82 -10.37 10.46
CA ALA A 40 2.38 -10.25 10.63
C ALA A 40 1.55 -10.92 9.55
N ALA A 41 1.97 -10.81 8.29
CA ALA A 41 1.24 -11.44 7.18
C ALA A 41 1.35 -12.96 7.29
N LEU A 42 2.52 -13.48 7.68
CA LEU A 42 2.67 -14.91 7.92
C LEU A 42 1.72 -15.44 9.05
N ALA A 43 1.59 -14.69 10.14
CA ALA A 43 0.66 -15.04 11.22
C ALA A 43 -0.81 -15.01 10.77
N PHE A 44 -1.19 -14.00 10.00
CA PHE A 44 -2.58 -13.89 9.49
C PHE A 44 -2.84 -14.99 8.46
N GLU A 45 -1.81 -15.31 7.67
CA GLU A 45 -1.86 -16.43 6.74
C GLU A 45 -2.20 -17.73 7.44
N ALA A 46 -1.56 -17.99 8.57
CA ALA A 46 -1.89 -19.16 9.43
C ALA A 46 -3.34 -19.22 9.86
N VAL A 47 -3.90 -18.11 10.32
CA VAL A 47 -5.30 -18.08 10.72
C VAL A 47 -6.22 -18.36 9.54
N CYS A 48 -5.94 -17.71 8.40
CA CYS A 48 -6.75 -17.88 7.19
C CYS A 48 -6.78 -19.33 6.73
N GLN A 49 -5.61 -19.98 6.75
CA GLN A 49 -5.46 -21.41 6.43
C GLN A 49 -6.25 -22.33 7.34
N ALA A 50 -6.21 -22.09 8.65
CA ALA A 50 -6.85 -22.96 9.62
C ALA A 50 -8.32 -22.64 9.77
N ALA A 51 -8.68 -21.37 9.60
CA ALA A 51 -10.04 -20.90 9.81
C ALA A 51 -10.40 -19.88 8.72
N PRO A 52 -10.60 -20.34 7.46
CA PRO A 52 -10.96 -19.45 6.34
C PRO A 52 -12.30 -18.73 6.44
N GLU A 53 -13.14 -19.10 7.40
CA GLU A 53 -14.37 -18.36 7.66
C GLU A 53 -14.15 -17.10 8.50
N ARG A 54 -12.93 -16.89 8.99
CA ARG A 54 -12.62 -15.71 9.77
C ARG A 54 -12.18 -14.54 8.88
N GLU A 55 -13.07 -13.58 8.69
CA GLU A 55 -12.86 -12.52 7.71
C GLU A 55 -12.06 -11.37 8.31
N GLU A 56 -11.94 -11.36 9.63
CA GLU A 56 -10.98 -10.50 10.31
C GLU A 56 -9.54 -10.92 10.00
N ALA A 57 -9.34 -12.22 9.85
CA ALA A 57 -8.03 -12.75 9.44
C ALA A 57 -7.71 -12.38 7.99
N TRP A 58 -8.68 -12.57 7.11
CA TRP A 58 -8.51 -12.23 5.71
C TRP A 58 -8.31 -10.70 5.57
N ARG A 59 -9.14 -9.93 6.26
CA ARG A 59 -9.05 -8.47 6.25
C ARG A 59 -7.66 -8.01 6.69
N SER A 60 -7.19 -8.55 7.82
CA SER A 60 -5.88 -8.16 8.35
C SER A 60 -4.76 -8.59 7.39
N LEU A 61 -4.88 -9.78 6.80
CA LEU A 61 -3.90 -10.27 5.82
C LEU A 61 -3.84 -9.29 4.66
N GLY A 62 -5.01 -8.91 4.15
CA GLY A 62 -5.11 -8.04 2.99
C GLY A 62 -4.53 -6.65 3.22
N LEU A 63 -4.93 -6.02 4.33
CA LEU A 63 -4.40 -4.70 4.69
CA LEU A 63 -4.40 -4.70 4.69
C LEU A 63 -2.88 -4.72 4.83
N THR A 64 -2.37 -5.79 5.45
CA THR A 64 -0.95 -5.89 5.71
C THR A 64 -0.18 -5.98 4.40
N GLN A 65 -0.66 -6.88 3.54
CA GLN A 65 -0.01 -7.12 2.25
C GLN A 65 0.09 -5.86 1.37
N ALA A 66 -0.92 -5.01 1.36
CA ALA A 66 -0.81 -3.76 0.59
C ALA A 66 0.33 -2.84 1.09
N GLU A 67 0.42 -2.64 2.42
CA GLU A 67 1.55 -1.93 3.03
C GLU A 67 2.89 -2.62 2.77
N ASN A 68 2.82 -3.93 2.55
CA ASN A 68 4.02 -4.73 2.28
C ASN A 68 4.36 -4.78 0.77
N GLU A 69 3.70 -3.94 -0.03
CA GLU A 69 4.03 -3.75 -1.43
C GLU A 69 3.61 -4.97 -2.26
N LYS A 70 2.47 -5.56 -1.92
CA LYS A 70 1.95 -6.77 -2.54
C LYS A 70 0.45 -6.65 -2.79
N ASP A 71 0.07 -5.74 -3.69
CA ASP A 71 -1.32 -5.48 -4.04
C ASP A 71 -2.09 -6.69 -4.56
N GLY A 72 -1.43 -7.53 -5.35
CA GLY A 72 -2.09 -8.72 -5.87
C GLY A 72 -2.53 -9.64 -4.75
N LEU A 73 -1.63 -9.89 -3.81
CA LEU A 73 -1.96 -10.71 -2.63
C LEU A 73 -2.98 -9.99 -1.74
N ALA A 74 -2.92 -8.67 -1.70
CA ALA A 74 -3.88 -7.87 -0.94
C ALA A 74 -5.30 -8.05 -1.50
N ILE A 75 -5.43 -7.98 -2.82
CA ILE A 75 -6.71 -8.12 -3.47
C ILE A 75 -7.31 -9.52 -3.22
N ILE A 76 -6.50 -10.55 -3.41
CA ILE A 76 -6.96 -11.95 -3.21
C ILE A 76 -7.52 -12.12 -1.79
N ALA A 77 -6.78 -11.66 -0.78
CA ALA A 77 -7.21 -11.72 0.60
C ALA A 77 -8.47 -10.89 0.86
N LEU A 78 -8.47 -9.65 0.38
CA LEU A 78 -9.59 -8.74 0.61
C LEU A 78 -10.90 -9.21 -0.05
N ASN A 79 -10.80 -9.94 -1.16
CA ASN A 79 -11.98 -10.46 -1.84
C ASN A 79 -12.62 -11.55 -0.98
N HIS A 80 -11.80 -12.31 -0.26
CA HIS A 80 -12.32 -13.24 0.76
C HIS A 80 -13.09 -12.49 1.85
N ALA A 81 -12.47 -11.45 2.38
CA ALA A 81 -13.08 -10.68 3.46
C ALA A 81 -14.40 -10.06 3.02
N ARG A 82 -14.38 -9.49 1.81
CA ARG A 82 -15.56 -8.94 1.13
C ARG A 82 -16.74 -9.93 1.06
N MET A 83 -16.45 -11.17 0.72
CA MET A 83 -17.48 -12.21 0.61
C MET A 83 -18.05 -12.53 1.98
N LEU A 84 -17.16 -12.69 2.95
CA LEU A 84 -17.55 -13.04 4.30
C LEU A 84 -18.28 -11.90 5.04
N ASP A 85 -17.96 -10.65 4.72
CA ASP A 85 -18.60 -9.50 5.35
C ASP A 85 -18.66 -8.35 4.37
N PRO A 86 -19.76 -8.25 3.60
CA PRO A 86 -19.90 -7.25 2.56
C PRO A 86 -19.94 -5.79 3.08
N LYS A 87 -19.96 -5.62 4.40
CA LYS A 87 -20.15 -4.35 5.08
C LYS A 87 -18.89 -3.91 5.81
N ASP A 88 -17.78 -4.63 5.65
CA ASP A 88 -16.51 -4.20 6.22
C ASP A 88 -15.95 -3.04 5.38
N ILE A 89 -16.09 -1.85 5.94
CA ILE A 89 -15.80 -0.58 5.27
C ILE A 89 -14.33 -0.55 4.86
N ALA A 90 -13.46 -0.88 5.81
CA ALA A 90 -12.03 -0.87 5.58
C ALA A 90 -11.63 -1.84 4.43
N VAL A 91 -12.31 -2.96 4.30
CA VAL A 91 -12.02 -3.89 3.16
C VAL A 91 -12.27 -3.21 1.80
N HIS A 92 -13.40 -2.51 1.69
CA HIS A 92 -13.72 -1.78 0.46
C HIS A 92 -12.70 -0.70 0.16
N ALA A 93 -12.27 0.03 1.20
CA ALA A 93 -11.28 1.10 1.06
C ALA A 93 -9.94 0.56 0.51
N ALA A 94 -9.46 -0.55 1.08
CA ALA A 94 -8.19 -1.19 0.67
C ALA A 94 -8.24 -1.73 -0.74
N LEU A 95 -9.39 -2.27 -1.12
CA LEU A 95 -9.62 -2.71 -2.49
C LEU A 95 -9.63 -1.54 -3.47
N ALA A 96 -10.25 -0.42 -3.12
CA ALA A 96 -10.25 0.75 -3.99
C ALA A 96 -8.79 1.15 -4.29
N VAL A 97 -7.97 1.17 -3.24
CA VAL A 97 -6.59 1.62 -3.32
C VAL A 97 -5.75 0.67 -4.14
N SER A 98 -5.80 -0.62 -3.82
CA SER A 98 -5.01 -1.62 -4.56
C SER A 98 -5.43 -1.76 -6.03
N HIS A 99 -6.73 -1.76 -6.31
CA HIS A 99 -7.21 -1.78 -7.70
C HIS A 99 -6.79 -0.53 -8.45
N THR A 100 -6.65 0.61 -7.76
CA THR A 100 -6.22 1.82 -8.46
C THR A 100 -4.78 1.63 -8.84
N ASN A 101 -3.99 1.11 -7.90
CA ASN A 101 -2.57 0.83 -8.14
C ASN A 101 -2.39 -0.14 -9.29
N GLU A 102 -3.32 -1.08 -9.37
CA GLU A 102 -3.26 -2.13 -10.35
C GLU A 102 -3.90 -1.72 -11.66
N HIS A 103 -4.38 -0.48 -11.77
CA HIS A 103 -5.08 -0.02 -12.98
C HIS A 103 -6.27 -0.89 -13.38
N ASN A 104 -7.05 -1.32 -12.38
CA ASN A 104 -8.31 -1.98 -12.62
C ASN A 104 -9.42 -0.95 -12.40
N ALA A 105 -9.77 -0.17 -13.41
CA ALA A 105 -10.64 1.01 -13.16
C ALA A 105 -12.06 0.64 -12.70
N ASN A 106 -12.69 -0.33 -13.36
CA ASN A 106 -14.01 -0.81 -12.97
C ASN A 106 -14.08 -1.33 -11.53
N ALA A 107 -13.15 -2.20 -11.14
CA ALA A 107 -13.07 -2.70 -9.76
C ALA A 107 -12.82 -1.56 -8.71
N ALA A 108 -12.00 -0.57 -9.07
CA ALA A 108 -11.64 0.51 -8.14
C ALA A 108 -12.87 1.36 -7.84
N LEU A 109 -13.56 1.75 -8.91
CA LEU A 109 -14.81 2.51 -8.79
C LEU A 109 -15.90 1.69 -8.06
N ALA A 110 -16.03 0.40 -8.35
CA ALA A 110 -16.97 -0.46 -7.61
C ALA A 110 -16.65 -0.51 -6.10
N SER A 111 -15.36 -0.53 -5.76
CA SER A 111 -14.92 -0.61 -4.37
C SER A 111 -15.11 0.72 -3.64
N LEU A 112 -14.89 1.84 -4.34
CA LEU A 112 -15.18 3.16 -3.75
C LEU A 112 -16.68 3.31 -3.46
N ARG A 113 -17.52 2.91 -4.42
CA ARG A 113 -18.99 2.98 -4.27
C ARG A 113 -19.43 2.12 -3.07
N ALA A 114 -18.92 0.88 -3.01
CA ALA A 114 -19.16 -0.03 -1.88
C ALA A 114 -18.66 0.56 -0.56
N TRP A 115 -17.45 1.10 -0.56
CA TRP A 115 -16.93 1.81 0.62
C TRP A 115 -17.91 2.84 1.20
N LEU A 116 -18.45 3.68 0.32
CA LEU A 116 -19.31 4.78 0.76
C LEU A 116 -20.65 4.22 1.26
N LEU A 117 -21.28 3.38 0.45
CA LEU A 117 -22.63 2.87 0.74
C LEU A 117 -22.70 1.77 1.81
N SER A 118 -21.57 1.22 2.25
CA SER A 118 -21.58 0.25 3.34
CA SER A 118 -21.57 0.25 3.34
C SER A 118 -21.66 0.95 4.70
N GLN A 119 -21.55 2.29 4.69
CA GLN A 119 -21.58 3.09 5.90
C GLN A 119 -23.02 3.56 6.16
N PRO A 120 -23.56 3.23 7.37
CA PRO A 120 -24.94 3.60 7.72
C PRO A 120 -25.22 5.09 7.52
N GLN A 121 -24.21 5.92 7.81
CA GLN A 121 -24.29 7.37 7.68
C GLN A 121 -24.49 7.85 6.26
N TYR A 122 -24.17 7.00 5.27
CA TYR A 122 -24.21 7.37 3.86
C TYR A 122 -25.05 6.41 3.01
N GLU A 123 -25.66 5.39 3.64
CA GLU A 123 -26.25 4.27 2.91
C GLU A 123 -27.45 4.70 2.05
N GLN A 124 -28.16 5.72 2.49
CA GLN A 124 -29.31 6.24 1.72
C GLN A 124 -28.87 6.95 0.44
N LEU A 125 -27.58 7.17 0.25
CA LEU A 125 -27.12 7.65 -1.05
C LEU A 125 -27.32 6.61 -2.15
N GLY A 126 -27.47 5.33 -1.76
CA GLY A 126 -27.68 4.23 -2.72
C GLY A 126 -28.98 4.35 -3.51
N SER A 127 -29.97 5.03 -2.92
CA SER A 127 -31.29 5.20 -3.53
C SER A 127 -31.52 6.55 -4.24
N VAL A 128 -30.51 7.41 -4.28
CA VAL A 128 -30.64 8.76 -4.88
C VAL A 128 -30.54 8.74 -6.41
N ASN A 129 -31.32 9.59 -7.09
CA ASN A 129 -31.19 9.82 -8.52
C ASN A 129 -30.18 10.93 -8.73
N LEU A 130 -29.11 10.64 -9.47
CA LEU A 130 -27.98 11.57 -9.61
C LEU A 130 -27.96 12.29 -10.96
N PHE A 146 -11.97 14.17 -17.07
CA PHE A 146 -12.39 13.40 -18.26
C PHE A 146 -11.94 11.95 -18.15
N PHE A 147 -12.88 11.07 -17.83
CA PHE A 147 -12.59 9.65 -17.66
C PHE A 147 -13.45 8.84 -18.64
N PHE A 148 -12.98 8.76 -19.88
CA PHE A 148 -13.86 8.33 -20.97
C PHE A 148 -14.04 6.83 -21.11
N ALA A 149 -13.19 6.04 -20.43
CA ALA A 149 -13.31 4.57 -20.40
C ALA A 149 -14.39 4.03 -19.45
N ALA A 150 -14.91 4.87 -18.56
CA ALA A 150 -16.04 4.47 -17.73
C ALA A 150 -16.60 5.71 -17.10
N PRO A 151 -17.17 6.60 -17.95
CA PRO A 151 -17.55 7.93 -17.51
C PRO A 151 -18.76 8.00 -16.57
N ASN A 152 -19.75 7.13 -16.75
CA ASN A 152 -20.88 7.08 -15.80
C ASN A 152 -20.50 6.46 -14.46
N GLU A 153 -19.69 5.40 -14.49
CA GLU A 153 -19.23 4.79 -13.25
C GLU A 153 -18.43 5.84 -12.46
N TYR A 154 -17.58 6.56 -13.18
CA TYR A 154 -16.71 7.56 -12.59
C TYR A 154 -17.52 8.70 -12.02
N ARG A 155 -18.40 9.29 -12.85
CA ARG A 155 -19.29 10.36 -12.43
C ARG A 155 -20.11 10.02 -11.21
N GLU A 156 -20.70 8.84 -11.22
CA GLU A 156 -21.49 8.37 -10.08
C GLU A 156 -20.69 8.38 -8.79
N CYS A 157 -19.49 7.79 -8.81
CA CYS A 157 -18.61 7.83 -7.64
C CYS A 157 -18.29 9.26 -7.21
N ARG A 158 -17.88 10.09 -8.17
CA ARG A 158 -17.52 11.48 -7.88
C ARG A 158 -18.68 12.22 -7.24
N THR A 159 -19.88 12.02 -7.80
CA THR A 159 -21.10 12.70 -7.29
C THR A 159 -21.53 12.21 -5.92
N LEU A 160 -21.51 10.88 -5.73
CA LEU A 160 -21.76 10.25 -4.43
C LEU A 160 -20.80 10.78 -3.34
N LEU A 161 -19.52 10.95 -3.68
CA LEU A 161 -18.55 11.45 -2.70
C LEU A 161 -18.71 12.95 -2.40
N HIS A 162 -19.11 13.72 -3.42
CA HIS A 162 -19.48 15.12 -3.24
C HIS A 162 -20.73 15.24 -2.36
N ALA A 163 -21.74 14.44 -2.67
CA ALA A 163 -22.98 14.42 -1.87
C ALA A 163 -22.67 14.13 -0.39
N ALA A 164 -21.79 13.14 -0.18
CA ALA A 164 -21.32 12.77 1.16
C ALA A 164 -20.59 13.95 1.82
N LEU A 165 -19.82 14.71 1.04
CA LEU A 165 -19.10 15.85 1.60
C LEU A 165 -20.09 16.92 2.03
N GLU A 166 -21.18 17.10 1.29
CA GLU A 166 -22.19 18.05 1.77
C GLU A 166 -22.91 17.57 3.05
N MET A 167 -23.15 16.26 3.15
CA MET A 167 -23.54 15.66 4.41
C MET A 167 -22.47 15.83 5.48
N ASN A 168 -21.22 15.52 5.10
CA ASN A 168 -20.12 15.49 6.05
C ASN A 168 -18.87 16.17 5.50
N PRO A 169 -18.74 17.46 5.74
CA PRO A 169 -17.73 18.28 5.04
C PRO A 169 -16.22 18.22 5.41
N ASN A 170 -15.94 17.84 6.64
CA ASN A 170 -14.58 17.72 7.12
C ASN A 170 -14.32 16.28 7.51
N ASP A 171 -14.97 15.36 6.80
CA ASP A 171 -14.72 13.95 6.99
C ASP A 171 -13.43 13.63 6.22
N ALA A 172 -12.39 13.25 6.97
CA ALA A 172 -11.05 13.04 6.42
C ALA A 172 -11.02 11.92 5.38
N GLN A 173 -11.81 10.88 5.60
CA GLN A 173 -11.79 9.70 4.73
C GLN A 173 -12.56 9.95 3.43
N LEU A 174 -13.56 10.84 3.47
CA LEU A 174 -14.21 11.29 2.23
C LEU A 174 -13.21 12.00 1.32
N HIS A 175 -12.44 12.93 1.88
CA HIS A 175 -11.41 13.62 1.13
C HIS A 175 -10.35 12.64 0.64
N ALA A 176 -9.95 11.71 1.50
CA ALA A 176 -8.96 10.72 1.08
C ALA A 176 -9.51 9.90 -0.07
N SER A 177 -10.79 9.51 0.00
CA SER A 177 -11.41 8.68 -1.02
C SER A 177 -11.58 9.42 -2.35
N LEU A 178 -11.86 10.73 -2.29
CA LEU A 178 -11.82 11.59 -3.47
C LEU A 178 -10.39 11.64 -4.06
N GLY A 179 -9.39 11.58 -3.19
CA GLY A 179 -7.98 11.60 -3.62
C GLY A 179 -7.71 10.33 -4.44
N VAL A 180 -8.22 9.20 -3.96
CA VAL A 180 -8.13 7.95 -4.72
C VAL A 180 -8.82 8.06 -6.08
N LEU A 181 -10.10 8.40 -6.05
CA LEU A 181 -10.86 8.63 -7.26
C LEU A 181 -10.05 9.48 -8.23
N TYR A 182 -9.52 10.59 -7.77
CA TYR A 182 -8.77 11.49 -8.63
C TYR A 182 -7.41 11.02 -9.11
N ASN A 183 -6.76 10.09 -8.39
CA ASN A 183 -5.57 9.40 -8.89
C ASN A 183 -5.94 8.49 -10.05
N LEU A 184 -7.10 7.86 -9.99
CA LEU A 184 -7.54 6.94 -11.04
C LEU A 184 -7.70 7.69 -12.37
N SER A 185 -8.13 8.96 -12.32
CA SER A 185 -8.34 9.74 -13.55
C SER A 185 -7.20 10.71 -13.87
N ASN A 186 -6.08 10.62 -13.16
CA ASN A 186 -4.88 11.43 -13.43
C ASN A 186 -5.13 12.92 -13.19
N ASN A 187 -6.03 13.20 -12.27
CA ASN A 187 -6.31 14.59 -11.94
CA ASN A 187 -6.41 14.55 -11.89
C ASN A 187 -5.58 14.82 -10.62
N TYR A 188 -4.26 14.90 -10.76
CA TYR A 188 -3.36 14.91 -9.62
C TYR A 188 -3.43 16.15 -8.73
N ASP A 189 -3.75 17.30 -9.31
CA ASP A 189 -3.94 18.53 -8.53
C ASP A 189 -5.12 18.46 -7.58
N SER A 190 -6.28 18.03 -8.08
CA SER A 190 -7.47 17.84 -7.25
C SER A 190 -7.24 16.73 -6.24
N ALA A 191 -6.56 15.68 -6.68
CA ALA A 191 -6.20 14.58 -5.80
C ALA A 191 -5.35 15.06 -4.63
N ALA A 192 -4.29 15.78 -4.94
CA ALA A 192 -3.38 16.32 -3.93
C ALA A 192 -4.11 17.25 -2.96
N ALA A 193 -4.92 18.16 -3.50
CA ALA A 193 -5.69 19.09 -2.66
C ALA A 193 -6.60 18.36 -1.68
N ASN A 194 -7.19 17.23 -2.12
CA ASN A 194 -8.04 16.46 -1.19
C ASN A 194 -7.25 15.66 -0.19
N LEU A 195 -6.14 15.09 -0.65
CA LEU A 195 -5.30 14.30 0.24
C LEU A 195 -4.60 15.19 1.26
N ARG A 196 -4.22 16.39 0.82
CA ARG A 196 -3.65 17.38 1.73
C ARG A 196 -4.61 17.73 2.88
N ARG A 197 -5.88 17.95 2.57
CA ARG A 197 -6.89 18.22 3.60
CA ARG A 197 -6.90 18.22 3.61
C ARG A 197 -7.05 17.02 4.55
N ALA A 198 -7.07 15.82 3.98
CA ALA A 198 -7.08 14.59 4.76
C ALA A 198 -5.94 14.55 5.78
N VAL A 199 -4.71 14.84 5.37
CA VAL A 199 -3.60 14.82 6.35
C VAL A 199 -3.68 15.98 7.35
N GLU A 200 -4.27 17.10 6.92
CA GLU A 200 -4.44 18.24 7.83
C GLU A 200 -5.37 17.81 8.96
N LEU A 201 -6.39 17.04 8.63
CA LEU A 201 -7.32 16.49 9.60
C LEU A 201 -6.73 15.35 10.44
N ARG A 202 -5.87 14.53 9.83
CA ARG A 202 -5.31 13.38 10.49
C ARG A 202 -3.81 13.27 10.22
N PRO A 203 -3.03 14.18 10.84
CA PRO A 203 -1.59 14.27 10.51
C PRO A 203 -0.68 13.13 11.02
N ASP A 204 -1.20 12.21 11.82
CA ASP A 204 -0.43 11.09 12.33
CA ASP A 204 -0.42 11.08 12.31
C ASP A 204 -0.81 9.79 11.62
N ASP A 205 -1.58 9.92 10.53
CA ASP A 205 -2.04 8.77 9.75
C ASP A 205 -1.04 8.50 8.63
N ALA A 206 -0.31 7.40 8.74
CA ALA A 206 0.83 7.16 7.85
C ALA A 206 0.38 6.82 6.42
N GLN A 207 -0.77 6.18 6.31
CA GLN A 207 -1.32 5.83 5.00
C GLN A 207 -1.72 7.11 4.22
N LEU A 208 -2.23 8.10 4.94
CA LEU A 208 -2.66 9.35 4.34
C LEU A 208 -1.44 10.14 3.83
N TRP A 209 -0.40 10.18 4.62
CA TRP A 209 0.85 10.76 4.13
C TRP A 209 1.40 10.02 2.90
N ASN A 210 1.40 8.68 2.94
CA ASN A 210 1.84 7.95 1.74
C ASN A 210 1.02 8.25 0.51
N LYS A 211 -0.29 8.25 0.67
CA LYS A 211 -1.22 8.54 -0.41
C LYS A 211 -0.98 9.92 -1.02
N LEU A 212 -0.80 10.91 -0.16
CA LEU A 212 -0.47 12.26 -0.59
C LEU A 212 0.87 12.23 -1.32
N GLY A 213 1.85 11.53 -0.77
CA GLY A 213 3.16 11.37 -1.41
C GLY A 213 3.09 10.74 -2.80
N ALA A 214 2.37 9.63 -2.90
CA ALA A 214 2.23 8.89 -4.17
C ALA A 214 1.54 9.74 -5.22
N THR A 215 0.55 10.50 -4.76
CA THR A 215 -0.17 11.42 -5.63
C THR A 215 0.73 12.54 -6.17
N LEU A 216 1.49 13.14 -5.27
CA LEU A 216 2.48 14.17 -5.65
C LEU A 216 3.54 13.63 -6.61
N ALA A 217 4.09 12.47 -6.30
CA ALA A 217 5.10 11.87 -7.16
C ALA A 217 4.56 11.64 -8.56
N ASN A 218 3.42 10.97 -8.66
CA ASN A 218 2.82 10.70 -9.97
C ASN A 218 2.35 11.99 -10.66
N GLY A 219 1.98 13.01 -9.89
CA GLY A 219 1.74 14.34 -10.43
C GLY A 219 3.03 15.15 -10.62
N ASN A 220 4.15 14.44 -10.74
CA ASN A 220 5.44 15.03 -11.09
C ASN A 220 5.89 16.14 -10.17
N ARG A 221 5.59 15.98 -8.88
CA ARG A 221 6.11 16.85 -7.83
C ARG A 221 6.94 16.01 -6.83
N PRO A 222 8.10 15.49 -7.29
CA PRO A 222 8.84 14.50 -6.51
C PRO A 222 9.43 14.99 -5.18
N GLN A 223 9.72 16.28 -5.10
CA GLN A 223 10.33 16.84 -3.86
C GLN A 223 9.32 16.93 -2.72
N GLU A 224 8.17 17.52 -3.01
CA GLU A 224 7.07 17.54 -2.07
C GLU A 224 6.68 16.11 -1.67
N ALA A 225 6.65 15.25 -2.68
CA ALA A 225 6.31 13.84 -2.47
C ALA A 225 7.25 13.22 -1.45
N LEU A 226 8.55 13.51 -1.61
CA LEU A 226 9.57 12.96 -0.72
C LEU A 226 9.40 13.47 0.73
N ASP A 227 8.98 14.74 0.90
CA ASP A 227 8.63 15.24 2.24
C ASP A 227 7.45 14.52 2.89
N ALA A 228 6.42 14.25 2.09
CA ALA A 228 5.27 13.43 2.50
C ALA A 228 5.67 11.99 2.86
N TYR A 229 6.43 11.33 2.00
CA TYR A 229 6.94 9.98 2.31
C TYR A 229 7.77 9.91 3.61
N ASN A 230 8.59 10.93 3.84
CA ASN A 230 9.43 10.97 5.04
C ASN A 230 8.58 10.98 6.30
N ARG A 231 7.59 11.86 6.32
CA ARG A 231 6.63 11.90 7.42
C ARG A 231 6.00 10.53 7.66
N ALA A 232 5.54 9.91 6.57
CA ALA A 232 4.85 8.62 6.67
C ALA A 232 5.76 7.56 7.28
N LEU A 233 7.01 7.53 6.84
CA LEU A 233 7.99 6.56 7.35
C LEU A 233 8.35 6.86 8.81
N ASP A 234 8.40 8.14 9.16
CA ASP A 234 8.63 8.54 10.55
C ASP A 234 7.55 7.97 11.43
N ILE A 235 6.30 8.01 10.97
CA ILE A 235 5.16 7.52 11.74
C ILE A 235 5.21 5.99 11.83
N ASN A 236 5.45 5.36 10.69
CA ASN A 236 5.42 3.91 10.57
C ASN A 236 6.71 3.44 9.89
N PRO A 237 7.76 3.19 10.70
CA PRO A 237 9.07 2.91 10.14
C PRO A 237 9.21 1.56 9.44
N GLY A 238 8.18 0.73 9.52
CA GLY A 238 8.20 -0.54 8.81
C GLY A 238 7.30 -0.53 7.59
N TYR A 239 6.98 0.66 7.09
CA TYR A 239 6.05 0.83 5.99
C TYR A 239 6.78 0.58 4.66
N VAL A 240 6.85 -0.68 4.25
CA VAL A 240 7.69 -1.09 3.11
C VAL A 240 7.27 -0.40 1.82
N ARG A 241 5.96 -0.25 1.60
CA ARG A 241 5.44 0.51 0.45
C ARG A 241 6.01 1.94 0.38
N VAL A 242 6.10 2.60 1.51
CA VAL A 242 6.69 3.92 1.49
C VAL A 242 8.18 3.86 1.08
N MET A 243 8.92 2.91 1.63
CA MET A 243 10.35 2.78 1.28
C MET A 243 10.52 2.62 -0.23
N TYR A 244 9.72 1.74 -0.80
CA TYR A 244 9.72 1.50 -2.25
C TYR A 244 9.40 2.80 -2.99
N ASN A 245 8.32 3.44 -2.58
CA ASN A 245 7.91 4.71 -3.19
C ASN A 245 9.05 5.73 -3.12
N MET A 246 9.75 5.82 -1.98
CA MET A 246 10.88 6.76 -1.85
C MET A 246 12.00 6.40 -2.81
N ALA A 247 12.28 5.11 -2.92
CA ALA A 247 13.26 4.58 -3.88
C ALA A 247 12.91 5.12 -5.24
N VAL A 248 11.64 5.00 -5.60
CA VAL A 248 11.15 5.39 -6.90
C VAL A 248 11.35 6.89 -7.13
N SER A 249 10.90 7.71 -6.19
CA SER A 249 11.12 9.14 -6.35
C SER A 249 12.59 9.49 -6.39
N TYR A 250 13.40 8.90 -5.53
CA TYR A 250 14.81 9.27 -5.51
C TYR A 250 15.47 8.93 -6.82
N SER A 251 15.15 7.73 -7.32
CA SER A 251 15.66 7.28 -8.61
C SER A 251 15.28 8.27 -9.73
N ASN A 252 14.04 8.75 -9.67
CA ASN A 252 13.47 9.72 -10.61
C ASN A 252 14.22 11.08 -10.61
N MET A 253 14.65 11.50 -9.43
CA MET A 253 15.48 12.71 -9.30
C MET A 253 16.99 12.45 -9.51
N SER A 254 17.33 11.24 -9.88
CA SER A 254 18.71 10.79 -10.05
C SER A 254 19.55 10.89 -8.81
N GLN A 255 18.94 10.63 -7.65
CA GLN A 255 19.65 10.57 -6.41
C GLN A 255 19.81 9.10 -6.00
N TYR A 256 20.73 8.45 -6.70
CA TYR A 256 20.89 7.00 -6.64
C TYR A 256 21.48 6.47 -5.32
N ASP A 257 22.23 7.28 -4.59
CA ASP A 257 22.70 6.86 -3.27
C ASP A 257 21.51 6.70 -2.32
N LEU A 258 20.63 7.69 -2.38
CA LEU A 258 19.44 7.73 -1.51
C LEU A 258 18.44 6.68 -1.95
N ALA A 259 18.29 6.51 -3.25
CA ALA A 259 17.42 5.48 -3.80
C ALA A 259 17.85 4.06 -3.34
N ALA A 260 19.15 3.82 -3.42
CA ALA A 260 19.73 2.53 -3.09
C ALA A 260 19.52 2.23 -1.59
N LYS A 261 19.72 3.23 -0.73
CA LYS A 261 19.55 3.03 0.72
C LYS A 261 18.13 2.61 1.03
N GLN A 262 17.17 3.29 0.39
CA GLN A 262 15.79 3.02 0.66
C GLN A 262 15.40 1.62 0.21
N LEU A 263 15.97 1.16 -0.90
CA LEU A 263 15.64 -0.15 -1.44
C LEU A 263 16.25 -1.31 -0.62
N VAL A 264 17.41 -1.08 -0.02
CA VAL A 264 18.02 -2.10 0.85
C VAL A 264 17.16 -2.27 2.11
N ARG A 265 16.70 -1.13 2.66
CA ARG A 265 15.77 -1.16 3.77
C ARG A 265 14.50 -1.92 3.42
N ALA A 266 13.91 -1.62 2.26
CA ALA A 266 12.67 -2.27 1.78
C ALA A 266 12.89 -3.77 1.62
N ILE A 267 13.93 -4.14 0.90
CA ILE A 267 14.29 -5.54 0.75
C ILE A 267 14.43 -6.25 2.10
N TYR A 268 15.17 -5.63 3.02
CA TYR A 268 15.44 -6.19 4.33
C TYR A 268 14.14 -6.39 5.09
N MET A 269 13.27 -5.39 5.05
CA MET A 269 12.04 -5.49 5.79
C MET A 269 11.13 -6.53 5.16
N GLN A 270 11.19 -6.70 3.85
CA GLN A 270 10.19 -7.53 3.19
C GLN A 270 10.36 -9.01 3.43
N VAL A 271 11.54 -9.45 3.83
CA VAL A 271 11.75 -10.83 4.23
C VAL A 271 11.84 -11.00 5.75
N GLY A 272 11.49 -9.99 6.54
CA GLY A 272 11.65 -10.05 8.00
C GLY A 272 13.09 -10.19 8.47
N GLY A 278 10.35 -17.19 3.96
CA GLY A 278 11.28 -17.70 2.97
C GLY A 278 10.67 -18.81 2.13
N GLU A 279 10.83 -18.70 0.81
CA GLU A 279 10.38 -19.73 -0.15
C GLU A 279 9.73 -19.03 -1.34
N ALA A 280 8.40 -18.89 -1.26
CA ALA A 280 7.65 -17.98 -2.13
C ALA A 280 7.99 -16.52 -1.84
N SER A 281 8.33 -16.23 -0.57
CA SER A 281 8.72 -14.87 -0.16
C SER A 281 10.04 -14.44 -0.81
N ARG A 282 10.97 -15.39 -0.90
CA ARG A 282 12.22 -15.18 -1.66
C ARG A 282 11.95 -14.72 -3.08
N GLU A 283 10.97 -15.34 -3.73
CA GLU A 283 10.63 -14.99 -5.11
C GLU A 283 10.03 -13.60 -5.22
N ALA A 284 9.20 -13.22 -4.24
CA ALA A 284 8.52 -11.91 -4.25
C ALA A 284 9.48 -10.72 -4.22
N THR A 285 10.69 -10.95 -3.69
CA THR A 285 11.68 -9.90 -3.60
C THR A 285 12.49 -9.73 -4.89
N ARG A 286 12.34 -10.63 -5.86
CA ARG A 286 13.22 -10.63 -7.03
C ARG A 286 13.12 -9.38 -7.92
N SER A 287 11.90 -8.91 -8.14
CA SER A 287 11.71 -7.69 -8.94
C SER A 287 12.37 -6.48 -8.27
N MET A 288 12.33 -6.43 -6.93
CA MET A 288 12.97 -5.35 -6.17
CA MET A 288 12.97 -5.34 -6.20
C MET A 288 14.49 -5.44 -6.31
N TRP A 289 15.00 -6.66 -6.22
CA TRP A 289 16.42 -6.92 -6.40
C TRP A 289 16.87 -6.44 -7.80
N ASP A 290 16.04 -6.63 -8.81
CA ASP A 290 16.38 -6.27 -10.17
C ASP A 290 16.37 -4.74 -10.31
N PHE A 291 15.37 -4.11 -9.72
CA PHE A 291 15.34 -2.66 -9.65
C PHE A 291 16.65 -2.17 -8.95
N PHE A 292 17.02 -2.81 -7.86
CA PHE A 292 18.26 -2.48 -7.15
C PHE A 292 19.47 -2.62 -8.07
N ARG A 293 19.52 -3.72 -8.82
CA ARG A 293 20.60 -3.97 -9.75
C ARG A 293 20.80 -2.86 -10.78
N MET A 294 19.70 -2.27 -11.25
CA MET A 294 19.73 -1.12 -12.14
C MET A 294 20.33 0.13 -11.50
N LEU A 295 20.01 0.37 -10.24
CA LEU A 295 20.56 1.52 -9.52
C LEU A 295 22.06 1.33 -9.32
N LEU A 296 22.47 0.08 -9.10
CA LEU A 296 23.90 -0.23 -8.92
C LEU A 296 24.65 -0.09 -10.26
N ASN A 297 23.97 -0.43 -11.36
CA ASN A 297 24.55 -0.26 -12.69
C ASN A 297 24.73 1.20 -13.06
N VAL A 298 23.64 1.97 -12.92
CA VAL A 298 23.65 3.37 -13.28
C VAL A 298 24.72 4.12 -12.47
N MET A 299 24.96 3.71 -11.23
CA MET A 299 25.96 4.38 -10.40
C MET A 299 27.39 3.86 -10.65
N ASN A 300 27.56 3.09 -11.72
CA ASN A 300 28.88 2.54 -12.10
CA ASN A 300 28.85 2.50 -12.12
C ASN A 300 29.50 1.63 -11.05
N ARG A 301 28.71 0.72 -10.47
CA ARG A 301 29.23 -0.25 -9.51
C ARG A 301 28.99 -1.66 -10.00
N PRO A 302 29.75 -2.09 -11.04
CA PRO A 302 29.52 -3.44 -11.52
C PRO A 302 29.85 -4.48 -10.47
N ASP A 303 30.75 -4.15 -9.53
CA ASP A 303 31.06 -5.08 -8.45
C ASP A 303 29.86 -5.34 -7.57
N LEU A 304 29.09 -4.29 -7.29
CA LEU A 304 27.87 -4.42 -6.48
C LEU A 304 26.77 -5.12 -7.29
N VAL A 305 26.68 -4.77 -8.58
CA VAL A 305 25.73 -5.45 -9.47
C VAL A 305 25.88 -6.97 -9.40
N GLU A 306 27.13 -7.43 -9.45
CA GLU A 306 27.42 -8.88 -9.46
C GLU A 306 26.90 -9.57 -8.19
N LEU A 307 26.98 -8.85 -7.08
CA LEU A 307 26.57 -9.36 -5.79
C LEU A 307 25.05 -9.46 -5.64
N THR A 308 24.28 -8.71 -6.41
CA THR A 308 22.84 -8.80 -6.26
C THR A 308 22.31 -10.20 -6.59
N TYR A 309 22.99 -10.92 -7.48
CA TYR A 309 22.52 -12.27 -7.85
C TYR A 309 22.50 -13.27 -6.67
N ALA A 310 23.31 -13.04 -5.63
CA ALA A 310 23.27 -13.90 -4.42
C ALA A 310 22.10 -13.61 -3.49
N GLN A 311 21.54 -12.41 -3.61
CA GLN A 311 20.39 -11.98 -2.82
C GLN A 311 20.64 -11.92 -1.32
N ASN A 312 21.87 -11.63 -0.92
CA ASN A 312 22.16 -11.37 0.47
C ASN A 312 22.27 -9.87 0.67
N VAL A 313 21.50 -9.37 1.63
CA VAL A 313 21.44 -7.95 1.97
C VAL A 313 22.71 -7.43 2.63
N GLU A 314 23.40 -8.30 3.35
CA GLU A 314 24.53 -7.93 4.19
C GLU A 314 25.58 -7.06 3.50
N PRO A 315 26.12 -7.53 2.35
CA PRO A 315 27.07 -6.68 1.63
C PRO A 315 26.58 -5.27 1.37
N PHE A 316 25.27 -5.13 1.14
CA PHE A 316 24.65 -3.83 0.79
C PHE A 316 24.30 -2.98 2.01
N ALA A 317 23.99 -3.64 3.11
CA ALA A 317 23.82 -2.95 4.39
C ALA A 317 25.12 -2.22 4.73
N LYS A 318 26.25 -2.92 4.60
CA LYS A 318 27.54 -2.31 4.88
C LYS A 318 27.79 -1.18 3.89
N GLU A 319 27.78 -1.54 2.61
CA GLU A 319 28.06 -0.61 1.54
C GLU A 319 27.22 0.69 1.58
N PHE A 320 25.99 0.62 2.07
CA PHE A 320 25.06 1.76 2.04
C PHE A 320 24.65 2.26 3.43
N GLY A 321 25.42 1.89 4.42
CA GLY A 321 25.33 2.55 5.71
C GLY A 321 24.13 2.17 6.55
N LEU A 322 23.70 0.91 6.45
CA LEU A 322 22.62 0.39 7.28
C LEU A 322 23.20 -0.77 8.12
N GLN A 323 24.24 -0.48 8.90
CA GLN A 323 24.93 -1.53 9.66
C GLN A 323 24.13 -2.17 10.83
N SER A 324 22.99 -1.58 11.23
CA SER A 324 22.10 -2.22 12.22
C SER A 324 21.63 -3.59 11.76
N MET A 325 21.56 -3.78 10.45
CA MET A 325 21.12 -5.04 9.81
C MET A 325 22.14 -6.17 9.91
N LEU A 326 23.34 -5.85 10.39
CA LEU A 326 24.36 -6.86 10.67
C LEU A 326 24.29 -7.42 12.10
N LEU A 327 23.32 -6.95 12.90
CA LEU A 327 23.17 -7.42 14.30
C LEU A 327 22.10 -8.52 14.38
N ARG B 3 8.33 4.24 -13.62
CA ARG B 3 7.75 3.61 -12.39
C ARG B 3 6.76 4.52 -11.66
N ALA B 4 5.59 3.96 -11.37
CA ALA B 4 4.48 4.67 -10.73
C ALA B 4 4.60 4.57 -9.19
N ALA B 5 4.27 5.65 -8.48
CA ALA B 5 4.15 5.59 -7.02
C ALA B 5 2.89 4.78 -6.66
N LYS B 6 2.92 4.06 -5.53
CA LYS B 6 1.79 3.25 -5.09
C LYS B 6 1.05 3.89 -3.91
N LEU B 7 -0.27 4.01 -4.03
CA LEU B 7 -1.12 4.51 -2.93
C LEU B 7 -1.17 3.50 -1.77
C1 EDO C . 2.87 -19.09 9.09
O1 EDO C . 4.28 -18.91 9.15
C2 EDO C . 2.41 -18.79 7.69
O2 EDO C . 1.00 -18.83 7.73
C1 EDO D . 13.77 -2.11 -13.41
O1 EDO D . 14.10 -0.71 -13.43
C2 EDO D . 14.67 -2.89 -14.36
O2 EDO D . 13.92 -3.92 -15.02
C1 EDO E . -15.72 -13.69 11.71
O1 EDO E . -16.00 -13.80 10.31
C2 EDO E . -15.18 -12.29 12.00
O2 EDO E . -13.77 -12.28 11.70
C1 EDO F . -7.29 0.86 4.01
O1 EDO F . -7.15 1.20 5.39
C2 EDO F . -7.01 2.10 3.16
O2 EDO F . -5.91 1.90 2.27
C1 EDO G . -9.60 5.88 2.29
O1 EDO G . -8.90 5.72 3.52
C2 EDO G . -8.58 6.16 1.17
O2 EDO G . -7.91 4.99 0.69
C1 EDO H . -11.56 5.00 -0.25
O1 EDO H . -12.70 4.59 0.43
C2 EDO H . -10.64 3.79 -0.27
O2 EDO H . -9.50 4.01 -1.05
C1 EDO I . -6.74 5.86 6.54
O1 EDO I . -6.55 4.56 7.13
C2 EDO I . -5.65 6.00 5.51
O2 EDO I . -6.15 6.14 4.18
C1 EDO J . -12.18 2.88 6.26
O1 EDO J . -12.65 4.22 6.14
C2 EDO J . -10.71 2.84 5.87
O2 EDO J . -9.96 2.67 7.05
C1 EDO K . -10.83 -9.75 -8.52
O1 EDO K . -11.38 -8.50 -8.07
C2 EDO K . -9.36 -9.59 -8.86
O2 EDO K . -9.18 -8.32 -9.50
C1 EDO L . 7.70 -9.35 -6.89
O1 EDO L . 6.88 -8.25 -7.27
C2 EDO L . 8.16 -10.17 -8.10
O2 EDO L . 9.45 -10.79 -7.87
C1 EDO M . -19.09 3.25 -9.54
O1 EDO M . -20.22 3.94 -10.05
C2 EDO M . -18.96 1.90 -10.24
O2 EDO M . -19.93 1.00 -9.73
C1 EDO N . -3.07 6.61 -12.59
O1 EDO N . -2.89 7.65 -11.68
C2 EDO N . -4.56 6.40 -12.77
O2 EDO N . -4.79 5.70 -13.98
C1 EDO O . 1.16 18.81 10.09
O1 EDO O . 0.34 18.46 11.21
C2 EDO O . 0.30 18.91 8.84
O2 EDO O . -0.82 19.77 9.09
C1 EDO P . 3.83 18.03 1.01
O1 EDO P . 2.56 18.39 1.55
C2 EDO P . 4.66 17.35 2.07
O2 EDO P . 4.58 18.10 3.27
C1 EDO Q . 4.24 -1.52 11.33
O1 EDO Q . 3.42 -2.64 10.96
C2 EDO Q . 5.54 -1.56 10.54
O2 EDO Q . 6.11 -2.86 10.63
C1 EDO R . -29.85 5.64 9.90
O1 EDO R . -29.23 5.78 11.19
C2 EDO R . -28.96 4.75 9.04
O2 EDO R . -28.89 5.25 7.71
C1 EDO S . 4.13 11.16 -14.50
O1 EDO S . 4.55 10.84 -13.15
C2 EDO S . 2.62 11.23 -14.60
O2 EDO S . 2.14 12.58 -14.60
C1 EDO T . 1.76 -9.55 -4.99
O1 EDO T . 1.03 -8.59 -5.73
C2 EDO T . 3.26 -9.34 -5.21
O2 EDO T . 3.96 -10.45 -4.63
C1 EDO U . 2.80 -4.67 -5.57
O1 EDO U . 1.67 -3.98 -6.03
C2 EDO U . 3.43 -5.50 -6.69
O2 EDO U . 4.47 -6.29 -6.07
C1 EDO V . -22.57 -3.24 0.21
O1 EDO V . -22.72 -1.81 0.20
C2 EDO V . -22.19 -3.73 -1.19
O2 EDO V . -21.14 -4.70 -1.10
C1 EDO W . -16.20 -4.19 -3.72
O1 EDO W . -15.20 -3.72 -2.83
C2 EDO W . -15.70 -4.20 -5.17
O2 EDO W . -14.30 -4.52 -5.32
C1 EDO X . -1.07 1.61 1.99
O1 EDO X . -0.20 2.37 1.15
C2 EDO X . -2.11 0.83 1.21
O2 EDO X . -1.66 0.46 -0.09
#